data_8YX4
#
_entry.id   8YX4
#
_cell.length_a   112.480
_cell.length_b   112.480
_cell.length_c   219.850
_cell.angle_alpha   90.00
_cell.angle_beta   90.00
_cell.angle_gamma   90.00
#
_symmetry.space_group_name_H-M   'I 41 2 2'
#
loop_
_entity.id
_entity.type
_entity.pdbx_description
1 polymer 'Papain-like protease nsp3'
2 non-polymer 2-methyl-~{N}-[1-(1-methyl-2-oxidanylidene-benzo[cd]indol-6-yl)cyclopropyl]-5-[3-(4-methyl-4-oxidanyl-piperidin-1-yl)azetidin-1-yl]benzamide
3 non-polymer GLYCEROL
4 non-polymer 'ZINC ION'
5 non-polymer 'CADMIUM ION'
6 non-polymer 'CHLORIDE ION'
7 water water
#
_entity_poly.entity_id   1
_entity_poly.type   'polypeptide(L)'
_entity_poly.pdbx_seq_one_letter_code
;GEVRTIKVFTTVDNINLHTQVVDMSMTYGQQFGPTYLDGADVTKIKPHNSHEGKTFYVLPNDDTLRVEAFEYYHTTDPSF
LGRYMSALNHTKKWKYPQVNGLTSIKWADNNSYLATALLTLQQIELKFNPPALQDAYYRARAGEAANFCALILAYCNKTV
GELGDVRETMSYLFQHANLDSCKRVLNVVCKTCGQQQTTLKGVEAVMYMGTLSYEQFKKGVQIPCTCGKQATKYLVQQES
PFVMMSAPPAQYELKHGTFTCASEYTGNYQCGHYKHITSKETLYCIDGALLTKSSEYKGPITDVFYKENSYTTTIK
;
_entity_poly.pdbx_strand_id   A
#
# COMPACT_ATOMS: atom_id res chain seq x y z
N THR A 5 -34.45 -3.93 25.57
CA THR A 5 -33.67 -3.23 24.55
C THR A 5 -32.42 -2.58 25.14
N ILE A 6 -31.48 -2.21 24.25
CA ILE A 6 -30.33 -1.38 24.61
C ILE A 6 -30.11 -0.33 23.53
N LYS A 7 -29.37 0.71 23.89
CA LYS A 7 -29.00 1.79 22.97
C LYS A 7 -27.58 1.58 22.49
N VAL A 8 -27.40 1.63 21.17
CA VAL A 8 -26.09 1.54 20.54
C VAL A 8 -26.00 2.63 19.48
N PHE A 9 -24.81 2.75 18.89
CA PHE A 9 -24.58 3.65 17.76
C PHE A 9 -24.18 2.81 16.54
N THR A 10 -24.71 3.17 15.36
CA THR A 10 -24.25 2.62 14.10
C THR A 10 -23.51 3.67 13.27
N THR A 11 -22.63 3.21 12.38
CA THR A 11 -21.79 4.08 11.57
C THR A 11 -21.26 3.31 10.36
N VAL A 12 -20.82 4.05 9.35
CA VAL A 12 -19.97 3.49 8.31
C VAL A 12 -18.54 4.02 8.37
N ASP A 13 -18.29 5.11 9.11
CA ASP A 13 -16.99 5.76 9.11
C ASP A 13 -16.37 5.97 10.48
N ASN A 14 -17.10 5.66 11.58
CA ASN A 14 -16.63 5.89 12.94
C ASN A 14 -16.42 7.38 13.23
N ILE A 15 -17.24 8.22 12.59
CA ILE A 15 -17.18 9.67 12.73
C ILE A 15 -18.58 10.21 12.93
N ASN A 16 -19.45 9.93 11.96
CA ASN A 16 -20.87 10.25 12.04
C ASN A 16 -21.56 9.05 12.65
N LEU A 17 -21.93 9.16 13.92
CA LEU A 17 -22.69 8.14 14.61
C LEU A 17 -24.18 8.45 14.50
N HIS A 18 -24.98 7.39 14.34
CA HIS A 18 -26.44 7.45 14.23
C HIS A 18 -26.99 6.59 15.35
N THR A 19 -27.75 7.20 16.28
CA THR A 19 -28.20 6.51 17.49
C THR A 19 -29.23 5.43 17.15
N GLN A 20 -29.19 4.34 17.92
CA GLN A 20 -30.14 3.24 17.71
C GLN A 20 -30.47 2.57 19.03
N VAL A 21 -31.68 2.01 19.12
CA VAL A 21 -32.09 1.13 20.22
C VAL A 21 -32.48 -0.22 19.64
N VAL A 22 -31.82 -1.27 20.09
CA VAL A 22 -31.95 -2.61 19.53
C VAL A 22 -32.72 -3.47 20.51
N ASP A 23 -33.77 -4.12 20.03
CA ASP A 23 -34.49 -5.10 20.83
C ASP A 23 -33.60 -6.31 21.11
N MET A 24 -33.31 -6.58 22.40
CA MET A 24 -32.40 -7.65 22.78
C MET A 24 -32.92 -9.05 22.45
N SER A 25 -34.12 -9.14 21.87
CA SER A 25 -34.59 -10.44 21.38
C SER A 25 -34.18 -10.70 19.94
N MET A 26 -34.07 -9.66 19.11
CA MET A 26 -33.71 -9.83 17.71
C MET A 26 -32.20 -9.70 17.52
N THR A 27 -31.69 -10.46 16.56
CA THR A 27 -30.28 -10.36 16.18
C THR A 27 -30.01 -9.07 15.42
N TYR A 28 -28.81 -8.52 15.61
CA TYR A 28 -28.45 -7.28 14.93
C TYR A 28 -28.79 -7.33 13.43
N GLY A 29 -28.55 -8.47 12.78
CA GLY A 29 -28.81 -8.58 11.36
C GLY A 29 -30.27 -8.49 11.01
N GLN A 30 -31.16 -8.99 11.86
CA GLN A 30 -32.57 -8.71 11.71
C GLN A 30 -32.80 -7.19 11.65
N GLN A 31 -32.21 -6.46 12.59
CA GLN A 31 -32.48 -5.04 12.74
C GLN A 31 -31.71 -4.20 11.69
N PHE A 32 -30.38 -4.23 11.71
CA PHE A 32 -29.58 -3.30 10.92
C PHE A 32 -29.09 -3.87 9.58
N GLY A 33 -29.13 -5.18 9.38
CA GLY A 33 -28.39 -5.79 8.31
C GLY A 33 -27.05 -6.30 8.82
N PRO A 34 -26.12 -6.62 7.92
CA PRO A 34 -24.77 -6.99 8.38
C PRO A 34 -24.16 -5.92 9.28
N THR A 35 -23.65 -6.36 10.44
CA THR A 35 -23.22 -5.50 11.53
C THR A 35 -21.91 -6.04 12.08
N TYR A 36 -21.02 -5.15 12.51
CA TYR A 36 -19.69 -5.56 12.94
C TYR A 36 -19.28 -4.79 14.19
N LEU A 37 -18.47 -5.43 15.03
CA LEU A 37 -17.84 -4.80 16.19
C LEU A 37 -16.36 -5.16 16.25
N ASP A 38 -15.52 -4.13 16.15
CA ASP A 38 -14.07 -4.27 16.02
C ASP A 38 -13.68 -5.33 15.01
N GLY A 39 -14.33 -5.30 13.84
CA GLY A 39 -13.98 -6.21 12.77
C GLY A 39 -14.66 -7.56 12.82
N ALA A 40 -15.47 -7.82 13.84
CA ALA A 40 -16.07 -9.13 14.06
C ALA A 40 -17.54 -9.11 13.69
N ASP A 41 -17.96 -10.04 12.83
CA ASP A 41 -19.33 -10.13 12.33
C ASP A 41 -20.31 -10.54 13.43
N VAL A 42 -21.16 -9.61 13.85
CA VAL A 42 -22.16 -9.83 14.89
C VAL A 42 -23.56 -9.90 14.30
N THR A 43 -23.67 -10.12 12.99
CA THR A 43 -24.96 -10.16 12.31
C THR A 43 -25.90 -11.21 12.88
N LYS A 44 -25.36 -12.34 13.36
CA LYS A 44 -26.14 -13.48 13.83
C LYS A 44 -26.04 -13.64 15.34
N ILE A 45 -25.84 -12.51 16.04
CA ILE A 45 -25.77 -12.42 17.50
C ILE A 45 -26.84 -11.44 17.94
N LYS A 46 -27.49 -11.71 19.09
CA LYS A 46 -28.49 -10.78 19.60
C LYS A 46 -27.86 -9.81 20.59
N PRO A 47 -28.43 -8.61 20.74
CA PRO A 47 -27.82 -7.61 21.61
C PRO A 47 -27.51 -8.19 23.00
N HIS A 48 -26.32 -7.87 23.50
CA HIS A 48 -25.85 -8.19 24.83
C HIS A 48 -25.87 -6.89 25.65
N ASN A 49 -25.61 -7.04 26.94
CA ASN A 49 -25.72 -5.92 27.87
C ASN A 49 -24.45 -5.09 27.96
N SER A 50 -23.28 -5.72 27.78
CA SER A 50 -22.04 -4.96 27.66
C SER A 50 -21.98 -4.12 26.39
N HIS A 51 -22.68 -4.55 25.33
CA HIS A 51 -22.75 -3.81 24.08
C HIS A 51 -23.32 -2.40 24.26
N GLU A 52 -23.95 -2.11 25.38
CA GLU A 52 -24.65 -0.84 25.52
C GLU A 52 -23.71 0.34 25.28
N GLY A 53 -24.16 1.26 24.42
CA GLY A 53 -23.40 2.45 24.08
C GLY A 53 -22.36 2.28 23.00
N LYS A 54 -21.88 1.06 22.76
CA LYS A 54 -20.80 0.81 21.82
C LYS A 54 -21.20 1.23 20.40
N THR A 55 -20.20 1.35 19.55
CA THR A 55 -20.38 1.75 18.16
C THR A 55 -20.27 0.52 17.26
N PHE A 56 -21.19 0.38 16.32
CA PHE A 56 -21.21 -0.74 15.40
C PHE A 56 -21.12 -0.25 13.97
N TYR A 57 -20.20 -0.83 13.21
CA TYR A 57 -20.16 -0.62 11.77
C TYR A 57 -21.29 -1.38 11.12
N VAL A 58 -21.99 -0.74 10.17
CA VAL A 58 -23.06 -1.36 9.41
C VAL A 58 -22.75 -1.14 7.92
N LEU A 59 -23.52 -1.84 7.06
CA LEU A 59 -23.32 -1.58 5.64
C LEU A 59 -24.22 -0.45 5.19
N PRO A 60 -23.80 0.31 4.19
CA PRO A 60 -24.61 1.46 3.76
C PRO A 60 -25.92 1.09 3.06
N ASN A 61 -27.01 1.14 3.80
CA ASN A 61 -28.30 0.69 3.30
C ASN A 61 -29.28 1.83 2.99
N ASP A 62 -28.95 3.08 3.31
CA ASP A 62 -29.68 4.27 2.90
C ASP A 62 -28.71 5.26 2.25
N ASP A 63 -29.27 6.33 1.67
CA ASP A 63 -28.42 7.18 0.87
C ASP A 63 -27.53 8.09 1.71
N THR A 64 -27.97 8.48 2.90
CA THR A 64 -27.11 9.23 3.79
C THR A 64 -25.82 8.49 4.08
N LEU A 65 -25.92 7.19 4.37
CA LEU A 65 -24.73 6.37 4.67
C LEU A 65 -23.93 6.01 3.42
N ARG A 66 -24.56 5.84 2.26
CA ARG A 66 -23.78 5.68 1.05
C ARG A 66 -22.88 6.91 0.79
N VAL A 67 -23.39 8.12 1.02
CA VAL A 67 -22.61 9.32 0.81
C VAL A 67 -21.52 9.47 1.88
N GLU A 68 -21.85 9.22 3.16
CA GLU A 68 -20.81 9.22 4.17
C GLU A 68 -19.71 8.20 3.85
N ALA A 69 -20.08 7.03 3.31
CA ALA A 69 -19.08 6.03 2.95
C ALA A 69 -18.24 6.47 1.76
N PHE A 70 -18.82 7.14 0.77
CA PHE A 70 -17.99 7.60 -0.31
C PHE A 70 -17.03 8.68 0.19
N GLU A 71 -17.51 9.57 1.05
CA GLU A 71 -16.71 10.70 1.54
C GLU A 71 -15.49 10.24 2.33
N TYR A 72 -15.63 9.16 3.13
CA TYR A 72 -14.52 8.62 3.91
C TYR A 72 -13.68 7.65 3.10
N TYR A 73 -14.29 6.74 2.33
CA TYR A 73 -13.49 5.71 1.66
C TYR A 73 -13.34 5.90 0.15
N HIS A 74 -14.07 6.79 -0.46
CA HIS A 74 -14.06 6.94 -1.91
C HIS A 74 -14.48 5.67 -2.63
N THR A 75 -15.43 4.99 -2.05
CA THR A 75 -15.90 3.81 -2.64
C THR A 75 -17.40 3.69 -2.64
N THR A 76 -17.93 3.16 -3.72
CA THR A 76 -19.30 2.85 -3.84
C THR A 76 -19.50 1.33 -3.69
N ASP A 77 -18.43 0.56 -3.61
CA ASP A 77 -18.52 -0.87 -3.56
C ASP A 77 -19.23 -1.33 -2.27
N PRO A 78 -20.42 -1.99 -2.43
CA PRO A 78 -21.09 -2.41 -1.19
C PRO A 78 -20.36 -3.53 -0.47
N SER A 79 -19.48 -4.26 -1.14
CA SER A 79 -18.67 -5.27 -0.48
C SER A 79 -17.49 -4.69 0.30
N PHE A 80 -17.17 -3.41 0.11
CA PHE A 80 -15.93 -2.87 0.61
C PHE A 80 -15.85 -3.01 2.12
N LEU A 81 -16.90 -2.63 2.83
CA LEU A 81 -16.83 -2.62 4.28
C LEU A 81 -16.66 -4.00 4.88
N GLY A 82 -17.37 -5.01 4.34
CA GLY A 82 -17.15 -6.36 4.84
C GLY A 82 -15.76 -6.90 4.55
N ARG A 83 -15.17 -6.52 3.41
CA ARG A 83 -13.78 -6.92 3.15
C ARG A 83 -12.81 -6.25 4.11
N TYR A 84 -13.09 -5.01 4.49
CA TYR A 84 -12.29 -4.30 5.48
C TYR A 84 -12.41 -4.94 6.85
N MET A 85 -13.63 -5.24 7.28
CA MET A 85 -13.83 -5.89 8.57
C MET A 85 -13.25 -7.29 8.62
N SER A 86 -13.35 -8.07 7.53
CA SER A 86 -12.76 -9.41 7.55
C SER A 86 -11.26 -9.32 7.83
N ALA A 87 -10.59 -8.35 7.18
CA ALA A 87 -9.15 -8.19 7.33
C ALA A 87 -8.78 -7.68 8.71
N LEU A 88 -9.57 -6.73 9.21
CA LEU A 88 -9.30 -6.12 10.50
C LEU A 88 -9.38 -7.13 11.62
N ASN A 89 -10.27 -8.10 11.49
CA ASN A 89 -10.39 -9.15 12.49
C ASN A 89 -9.06 -9.86 12.69
N HIS A 90 -8.23 -9.95 11.64
CA HIS A 90 -6.86 -10.45 11.75
C HIS A 90 -5.86 -9.34 12.08
N THR A 91 -5.91 -8.18 11.39
CA THR A 91 -4.80 -7.25 11.52
C THR A 91 -4.76 -6.64 12.92
N LYS A 92 -5.91 -6.53 13.58
CA LYS A 92 -5.95 -6.06 14.95
C LYS A 92 -5.26 -7.00 15.93
N LYS A 93 -5.01 -8.25 15.56
CA LYS A 93 -4.27 -9.20 16.39
C LYS A 93 -2.81 -9.31 16.01
N TRP A 94 -2.37 -8.63 14.94
CA TRP A 94 -0.95 -8.62 14.60
C TRP A 94 -0.21 -7.71 15.57
N LYS A 95 1.11 -7.92 15.72
CA LYS A 95 1.94 -7.00 16.49
C LYS A 95 2.68 -6.05 15.53
N TYR A 96 2.79 -4.80 15.94
CA TYR A 96 3.43 -3.75 15.17
C TYR A 96 4.60 -3.16 15.96
N PRO A 97 5.70 -3.89 16.06
CA PRO A 97 6.88 -3.36 16.75
C PRO A 97 7.52 -2.18 16.03
N GLN A 98 8.15 -1.31 16.81
CA GLN A 98 9.02 -0.30 16.24
C GLN A 98 10.38 -0.91 15.99
N VAL A 99 10.88 -0.80 14.78
CA VAL A 99 12.15 -1.36 14.38
C VAL A 99 12.89 -0.24 13.69
N ASN A 100 14.00 0.21 14.29
CA ASN A 100 14.84 1.20 13.64
C ASN A 100 14.04 2.47 13.35
N GLY A 101 13.20 2.86 14.32
CA GLY A 101 12.36 4.00 14.18
C GLY A 101 11.22 3.87 13.20
N LEU A 102 10.87 2.66 12.79
CA LEU A 102 9.81 2.46 11.79
C LEU A 102 8.80 1.47 12.35
N THR A 103 7.54 1.67 12.01
CA THR A 103 6.51 0.70 12.36
C THR A 103 6.57 -0.48 11.39
N SER A 104 6.94 -1.65 11.88
CA SER A 104 6.98 -2.88 11.11
C SER A 104 5.84 -3.81 11.56
N ILE A 105 5.82 -5.05 11.05
CA ILE A 105 4.83 -6.04 11.48
C ILE A 105 5.49 -7.38 11.78
N LYS A 106 5.16 -7.95 12.92
CA LYS A 106 5.63 -9.28 13.23
C LYS A 106 4.95 -10.24 12.26
N TRP A 107 5.69 -11.25 11.80
CA TRP A 107 5.17 -12.18 10.79
C TRP A 107 3.87 -12.83 11.27
N ALA A 108 2.88 -12.88 10.38
CA ALA A 108 1.62 -13.60 10.55
C ALA A 108 0.86 -13.57 9.23
N ASP A 109 0.07 -14.59 9.02
CA ASP A 109 -0.87 -14.64 7.90
C ASP A 109 -0.22 -14.22 6.58
N ASN A 110 1.02 -14.71 6.37
CA ASN A 110 1.76 -14.45 5.14
C ASN A 110 1.97 -12.96 4.91
N ASN A 111 2.18 -12.18 5.96
CA ASN A 111 2.16 -10.72 5.75
C ASN A 111 3.56 -10.08 5.46
N SER A 112 4.59 -10.87 5.11
CA SER A 112 5.87 -10.22 4.83
C SER A 112 5.77 -9.16 3.72
N TYR A 113 4.89 -9.33 2.74
CA TYR A 113 4.84 -8.31 1.69
C TYR A 113 4.18 -7.03 2.21
N LEU A 114 3.28 -7.13 3.19
CA LEU A 114 2.64 -5.94 3.74
C LEU A 114 3.58 -5.20 4.66
N ALA A 115 4.35 -5.94 5.46
CA ALA A 115 5.38 -5.31 6.28
C ALA A 115 6.35 -4.52 5.41
N THR A 116 6.85 -5.11 4.33
CA THR A 116 7.78 -4.42 3.43
C THR A 116 7.12 -3.19 2.85
N ALA A 117 5.88 -3.30 2.42
CA ALA A 117 5.17 -2.14 1.89
C ALA A 117 4.98 -1.07 2.97
N LEU A 118 4.62 -1.48 4.18
CA LEU A 118 4.36 -0.53 5.24
C LEU A 118 5.62 0.28 5.56
N LEU A 119 6.77 -0.41 5.61
CA LEU A 119 8.05 0.23 5.87
C LEU A 119 8.40 1.22 4.78
N THR A 120 8.12 0.84 3.52
CA THR A 120 8.42 1.69 2.39
C THR A 120 7.60 2.96 2.46
N LEU A 121 6.31 2.83 2.78
CA LEU A 121 5.43 3.99 2.79
C LEU A 121 5.79 4.98 3.86
N GLN A 122 6.50 4.55 4.88
CA GLN A 122 6.98 5.48 5.90
C GLN A 122 8.22 6.23 5.45
N GLN A 123 8.78 5.94 4.32
CA GLN A 123 10.04 6.52 3.92
C GLN A 123 9.89 7.33 2.66
N ILE A 124 8.70 7.41 2.09
CA ILE A 124 8.44 8.14 0.86
C ILE A 124 7.26 9.07 1.11
N GLU A 125 7.12 10.05 0.22
CA GLU A 125 6.21 11.16 0.40
C GLU A 125 4.94 10.84 -0.36
N LEU A 126 3.84 10.70 0.36
CA LEU A 126 2.62 10.21 -0.25
C LEU A 126 1.43 10.75 0.52
N LYS A 127 0.46 11.24 -0.23
CA LYS A 127 -0.81 11.67 0.33
C LYS A 127 -1.88 10.80 -0.31
N PHE A 128 -2.61 10.07 0.52
CA PHE A 128 -3.71 9.25 0.08
C PHE A 128 -4.98 10.07 -0.06
N ASN A 129 -5.73 9.83 -1.15
CA ASN A 129 -6.95 10.60 -1.37
C ASN A 129 -8.13 10.24 -0.47
N PRO A 130 -8.42 8.98 -0.21
CA PRO A 130 -9.49 8.69 0.72
C PRO A 130 -9.10 9.10 2.12
N PRO A 131 -9.96 9.83 2.84
CA PRO A 131 -9.61 10.22 4.21
C PRO A 131 -9.34 9.05 5.08
N ALA A 132 -10.13 7.99 4.91
CA ALA A 132 -10.01 6.82 5.78
C ALA A 132 -8.61 6.26 5.71
N LEU A 133 -8.03 6.28 4.51
CA LEU A 133 -6.70 5.77 4.26
C LEU A 133 -5.63 6.74 4.73
N GLN A 134 -5.83 8.06 4.51
CA GLN A 134 -4.88 9.03 5.05
C GLN A 134 -4.86 9.01 6.57
N ASP A 135 -6.05 8.96 7.21
CA ASP A 135 -6.09 8.93 8.67
C ASP A 135 -5.43 7.68 9.22
N ALA A 136 -5.65 6.53 8.57
CA ALA A 136 -5.06 5.29 9.06
C ALA A 136 -3.56 5.29 8.83
N TYR A 137 -3.09 5.94 7.75
CA TYR A 137 -1.65 6.07 7.50
C TYR A 137 -1.02 6.87 8.61
N TYR A 138 -1.62 7.99 9.01
CA TYR A 138 -1.08 8.76 10.13
C TYR A 138 -1.02 7.92 11.39
N ARG A 139 -2.13 7.25 11.71
CA ARG A 139 -2.16 6.44 12.92
C ARG A 139 -1.15 5.31 12.88
N ALA A 140 -0.80 4.86 11.68
CA ALA A 140 0.20 3.79 11.54
C ALA A 140 1.61 4.27 11.76
N ARG A 141 1.96 5.47 11.23
CA ARG A 141 3.25 6.08 11.50
C ARG A 141 3.49 6.15 13.01
N ALA A 142 2.44 6.45 13.77
CA ALA A 142 2.49 6.53 15.21
C ALA A 142 2.42 5.19 15.90
N GLY A 143 2.47 4.06 15.18
CA GLY A 143 2.56 2.75 15.77
C GLY A 143 1.31 1.90 15.78
N GLU A 144 0.15 2.47 15.43
CA GLU A 144 -1.12 1.73 15.45
C GLU A 144 -1.64 1.48 14.02
N ALA A 145 -1.18 0.36 13.43
CA ALA A 145 -1.29 0.20 11.99
C ALA A 145 -2.34 -0.83 11.58
N ALA A 146 -3.11 -1.37 12.53
CA ALA A 146 -4.10 -2.40 12.19
C ALA A 146 -5.08 -1.92 11.12
N ASN A 147 -5.66 -0.74 11.32
CA ASN A 147 -6.65 -0.27 10.35
C ASN A 147 -6.01 0.01 9.01
N PHE A 148 -4.80 0.53 9.03
CA PHE A 148 -4.13 0.81 7.77
C PHE A 148 -3.90 -0.48 7.02
N CYS A 149 -3.40 -1.51 7.70
CA CYS A 149 -3.14 -2.77 7.03
C CYS A 149 -4.41 -3.38 6.51
N ALA A 150 -5.50 -3.29 7.28
CA ALA A 150 -6.78 -3.80 6.80
C ALA A 150 -7.27 -3.02 5.61
N LEU A 151 -7.07 -1.70 5.61
CA LEU A 151 -7.52 -0.91 4.46
C LEU A 151 -6.69 -1.22 3.23
N ILE A 152 -5.39 -1.47 3.40
CA ILE A 152 -4.57 -1.82 2.25
C ILE A 152 -5.11 -3.08 1.60
N LEU A 153 -5.41 -4.10 2.41
CA LEU A 153 -5.96 -5.34 1.89
C LEU A 153 -7.25 -5.06 1.15
N ALA A 154 -8.20 -4.40 1.79
CA ALA A 154 -9.46 -4.09 1.12
C ALA A 154 -9.26 -3.28 -0.16
N TYR A 155 -8.39 -2.26 -0.17
CA TYR A 155 -8.25 -1.48 -1.40
C TYR A 155 -7.48 -2.20 -2.50
N CYS A 156 -6.64 -3.18 -2.16
CA CYS A 156 -5.98 -4.01 -3.15
C CYS A 156 -6.76 -5.26 -3.52
N ASN A 157 -7.98 -5.43 -2.98
CA ASN A 157 -8.80 -6.61 -3.27
C ASN A 157 -8.04 -7.89 -2.93
N LYS A 158 -7.43 -7.89 -1.77
CA LYS A 158 -6.64 -9.01 -1.26
C LYS A 158 -7.16 -9.37 0.12
N THR A 159 -7.09 -10.66 0.44
CA THR A 159 -7.51 -11.19 1.72
C THR A 159 -6.29 -11.59 2.53
N VAL A 160 -6.51 -11.62 3.85
CA VAL A 160 -5.48 -12.09 4.75
C VAL A 160 -5.04 -13.51 4.33
N GLY A 161 -3.74 -13.77 4.40
CA GLY A 161 -3.16 -15.00 4.08
C GLY A 161 -2.77 -15.19 2.63
N GLU A 162 -3.43 -14.47 1.72
CA GLU A 162 -3.12 -14.52 0.28
C GLU A 162 -1.73 -13.96 0.02
N LEU A 163 -1.05 -14.56 -0.95
CA LEU A 163 0.30 -14.19 -1.30
C LEU A 163 0.30 -12.91 -2.12
N GLY A 164 1.14 -11.95 -1.72
CA GLY A 164 1.13 -10.64 -2.32
C GLY A 164 2.48 -10.21 -2.86
N ASP A 165 2.42 -9.46 -3.94
CA ASP A 165 3.60 -8.90 -4.61
C ASP A 165 3.68 -7.45 -4.17
N VAL A 166 4.82 -7.06 -3.58
CA VAL A 166 4.98 -5.69 -3.08
C VAL A 166 4.77 -4.67 -4.20
N ARG A 167 5.38 -4.88 -5.34
CA ARG A 167 5.22 -3.91 -6.41
C ARG A 167 3.76 -3.78 -6.85
N GLU A 168 3.03 -4.90 -6.91
CA GLU A 168 1.62 -4.83 -7.28
C GLU A 168 0.82 -4.07 -6.24
N THR A 169 1.13 -4.29 -4.96
CA THR A 169 0.47 -3.57 -3.88
C THR A 169 0.77 -2.08 -3.92
N MET A 170 2.04 -1.69 -4.07
CA MET A 170 2.34 -0.25 -4.10
C MET A 170 1.65 0.40 -5.27
N SER A 171 1.58 -0.31 -6.41
CA SER A 171 0.91 0.24 -7.58
C SER A 171 -0.56 0.52 -7.30
N TYR A 172 -1.25 -0.47 -6.74
CA TYR A 172 -2.64 -0.23 -6.33
C TYR A 172 -2.75 0.93 -5.34
N LEU A 173 -1.85 0.98 -4.37
CA LEU A 173 -1.91 2.05 -3.39
C LEU A 173 -1.65 3.41 -4.04
N PHE A 174 -0.68 3.48 -4.96
CA PHE A 174 -0.41 4.74 -5.65
C PHE A 174 -1.65 5.24 -6.41
N GLN A 175 -2.47 4.35 -6.92
CA GLN A 175 -3.63 4.76 -7.68
C GLN A 175 -4.69 5.40 -6.78
N HIS A 176 -4.55 5.22 -5.47
CA HIS A 176 -5.39 5.90 -4.52
C HIS A 176 -4.69 7.04 -3.81
N ALA A 177 -3.66 7.63 -4.41
CA ALA A 177 -2.81 8.62 -3.80
C ALA A 177 -2.74 9.79 -4.76
N ASN A 178 -2.24 10.93 -4.29
CA ASN A 178 -2.28 12.12 -5.13
C ASN A 178 -0.94 12.22 -5.84
N LEU A 179 -0.84 11.50 -6.94
CA LEU A 179 0.31 11.57 -7.81
C LEU A 179 -0.05 12.20 -9.13
N ASP A 180 -1.22 12.85 -9.22
CA ASP A 180 -1.69 13.45 -10.47
C ASP A 180 -0.80 14.63 -10.89
N SER A 181 -0.18 15.32 -9.97
CA SER A 181 0.80 16.34 -10.34
C SER A 181 2.16 15.75 -10.77
N CYS A 182 2.28 14.45 -10.97
CA CYS A 182 3.59 13.84 -11.23
C CYS A 182 3.74 13.53 -12.70
N LYS A 183 4.94 13.74 -13.22
CA LYS A 183 5.14 13.78 -14.66
C LYS A 183 6.48 13.15 -15.01
N ARG A 184 6.48 12.38 -16.10
CA ARG A 184 7.68 11.75 -16.60
C ARG A 184 7.74 11.94 -18.11
N VAL A 185 8.91 12.30 -18.61
CA VAL A 185 9.11 12.53 -20.02
C VAL A 185 10.17 11.56 -20.49
N LEU A 186 9.82 10.74 -21.45
CA LEU A 186 10.72 9.76 -22.00
C LEU A 186 11.00 10.13 -23.44
N ASN A 187 12.11 9.64 -23.93
CA ASN A 187 12.47 9.82 -25.32
C ASN A 187 12.96 8.46 -25.78
N VAL A 188 12.38 7.99 -26.88
CA VAL A 188 12.77 6.73 -27.51
C VAL A 188 13.42 7.04 -28.85
N VAL A 189 14.47 6.30 -29.18
CA VAL A 189 15.24 6.50 -30.40
C VAL A 189 15.46 5.17 -31.09
N CYS A 190 14.70 4.95 -32.16
CA CYS A 190 14.82 3.75 -32.97
C CYS A 190 15.51 4.19 -34.25
N LYS A 191 16.42 3.37 -34.73
CA LYS A 191 17.16 3.72 -35.95
C LYS A 191 16.22 3.78 -37.16
N THR A 192 15.23 2.92 -37.19
CA THR A 192 14.27 3.00 -38.26
C THR A 192 13.26 4.14 -38.04
N CYS A 193 12.27 4.00 -37.14
CA CYS A 193 11.25 5.05 -36.94
C CYS A 193 11.77 6.42 -36.47
N GLY A 194 12.94 6.51 -35.86
CA GLY A 194 13.40 7.83 -35.46
C GLY A 194 13.40 8.12 -33.97
N GLN A 195 13.15 9.37 -33.60
CA GLN A 195 13.17 9.75 -32.22
C GLN A 195 11.78 10.23 -31.81
N GLN A 196 11.27 9.77 -30.69
CA GLN A 196 9.92 10.13 -30.30
C GLN A 196 9.72 10.28 -28.80
N GLN A 197 9.17 11.42 -28.38
CA GLN A 197 8.95 11.72 -26.97
C GLN A 197 7.62 11.25 -26.47
N THR A 198 7.55 10.98 -25.18
CA THR A 198 6.32 10.55 -24.57
C THR A 198 6.22 11.18 -23.19
N THR A 199 5.03 11.53 -22.75
CA THR A 199 4.87 12.07 -21.44
C THR A 199 3.97 11.19 -20.61
N LEU A 200 4.35 10.85 -19.39
CA LEU A 200 3.51 10.04 -18.55
C LEU A 200 3.16 10.83 -17.31
N LYS A 201 1.98 10.58 -16.75
CA LYS A 201 1.53 11.26 -15.57
C LYS A 201 0.88 10.26 -14.64
N GLY A 202 0.78 10.60 -13.37
CA GLY A 202 0.12 9.71 -12.43
C GLY A 202 0.99 8.57 -11.98
N VAL A 203 0.42 7.41 -11.68
CA VAL A 203 1.20 6.28 -11.23
C VAL A 203 2.21 5.73 -12.22
N GLU A 204 1.98 5.91 -13.51
CA GLU A 204 2.88 5.49 -14.54
C GLU A 204 4.14 6.33 -14.60
N ALA A 205 4.09 7.54 -14.08
CA ALA A 205 5.21 8.42 -14.01
C ALA A 205 6.16 8.07 -12.89
N VAL A 206 5.81 7.22 -11.95
CA VAL A 206 6.75 6.89 -10.89
C VAL A 206 7.20 5.45 -10.79
N MET A 207 6.74 4.59 -11.66
CA MET A 207 7.11 3.20 -11.60
C MET A 207 7.71 2.72 -12.89
N TYR A 208 8.70 1.85 -12.82
CA TYR A 208 9.24 1.30 -14.02
C TYR A 208 9.57 -0.14 -13.76
N MET A 209 9.29 -1.04 -14.70
CA MET A 209 9.63 -2.43 -14.54
C MET A 209 10.65 -2.75 -15.59
N GLY A 210 11.80 -3.28 -15.23
CA GLY A 210 12.83 -3.56 -16.20
C GLY A 210 14.21 -3.43 -15.60
N THR A 211 14.46 -2.42 -14.82
CA THR A 211 15.74 -2.28 -14.20
C THR A 211 15.59 -1.71 -12.82
N LEU A 212 16.51 -2.06 -11.93
CA LEU A 212 16.51 -1.54 -10.59
C LEU A 212 17.29 -0.25 -10.49
N SER A 213 18.05 0.11 -11.51
CA SER A 213 18.90 1.26 -11.43
C SER A 213 18.32 2.53 -12.03
N TYR A 214 18.15 3.58 -11.23
CA TYR A 214 17.64 4.85 -11.70
C TYR A 214 18.63 5.46 -12.64
N GLU A 215 19.91 5.33 -12.32
CA GLU A 215 20.97 5.85 -13.15
C GLU A 215 20.90 5.25 -14.52
N GLN A 216 20.69 3.94 -14.62
CA GLN A 216 20.62 3.28 -15.91
C GLN A 216 19.45 3.74 -16.73
N PHE A 217 18.35 4.04 -16.11
CA PHE A 217 17.20 4.56 -16.79
C PHE A 217 17.48 5.95 -17.37
N LYS A 218 18.28 6.74 -16.66
CA LYS A 218 18.66 8.04 -17.11
C LYS A 218 19.66 7.89 -18.26
N LYS A 219 20.54 6.91 -18.20
CA LYS A 219 21.49 6.74 -19.26
C LYS A 219 20.85 6.05 -20.47
N GLY A 220 19.80 5.27 -20.25
CA GLY A 220 19.11 4.61 -21.34
C GLY A 220 19.00 3.11 -21.22
N VAL A 221 17.88 2.54 -21.66
CA VAL A 221 17.68 1.10 -21.58
C VAL A 221 17.16 0.60 -22.91
N GLN A 222 17.55 -0.60 -23.28
CA GLN A 222 17.16 -1.15 -24.56
C GLN A 222 15.77 -1.70 -24.55
N ILE A 223 14.90 -1.24 -25.44
CA ILE A 223 13.55 -1.76 -25.49
C ILE A 223 13.17 -2.04 -26.93
N PRO A 224 12.11 -2.81 -27.14
CA PRO A 224 11.73 -3.03 -28.54
C PRO A 224 10.86 -1.95 -29.10
N CYS A 225 11.07 -1.60 -30.36
CA CYS A 225 10.27 -0.58 -31.00
C CYS A 225 9.11 -1.26 -31.65
N THR A 226 8.34 -0.49 -32.41
CA THR A 226 7.24 -1.05 -33.16
C THR A 226 7.68 -1.44 -34.57
N CYS A 227 8.96 -1.25 -34.86
CA CYS A 227 9.63 -1.59 -36.08
C CYS A 227 10.08 -3.03 -36.05
N GLY A 228 10.01 -3.66 -34.90
CA GLY A 228 10.54 -5.00 -34.74
C GLY A 228 12.03 -4.85 -34.56
N LYS A 229 12.47 -3.75 -33.96
CA LYS A 229 13.86 -3.47 -33.74
C LYS A 229 14.02 -2.96 -32.32
N GLN A 230 15.24 -2.97 -31.82
CA GLN A 230 15.50 -2.51 -30.48
C GLN A 230 15.84 -1.04 -30.46
N ALA A 231 14.98 -0.22 -29.86
CA ALA A 231 15.25 1.20 -29.68
C ALA A 231 15.84 1.42 -28.29
N THR A 232 16.18 2.67 -27.98
CA THR A 232 16.65 3.03 -26.64
C THR A 232 15.70 4.04 -26.01
N LYS A 233 15.27 3.77 -24.78
CA LYS A 233 14.41 4.67 -24.02
C LYS A 233 15.25 5.28 -22.90
N TYR A 234 15.20 6.59 -22.75
CA TYR A 234 15.86 7.20 -21.60
C TYR A 234 14.94 8.24 -20.97
N LEU A 235 15.28 8.64 -19.77
CA LEU A 235 14.49 9.59 -19.00
C LEU A 235 14.93 11.00 -19.38
N VAL A 236 13.99 11.81 -19.83
CA VAL A 236 14.27 13.20 -20.14
C VAL A 236 14.02 14.11 -18.92
N GLN A 237 12.90 13.89 -18.24
CA GLN A 237 12.44 14.79 -17.20
C GLN A 237 11.60 14.00 -16.20
N GLN A 238 11.86 14.22 -14.91
CA GLN A 238 11.12 13.58 -13.84
C GLN A 238 10.61 14.65 -12.89
N GLU A 239 9.35 14.55 -12.51
CA GLU A 239 8.74 15.48 -11.57
C GLU A 239 7.91 14.61 -10.63
N SER A 240 8.54 14.17 -9.54
CA SER A 240 7.83 13.43 -8.49
C SER A 240 8.66 13.45 -7.22
N PRO A 241 8.06 13.15 -6.06
CA PRO A 241 8.85 13.05 -4.82
C PRO A 241 9.64 11.75 -4.65
N PHE A 242 9.44 10.74 -5.48
CA PHE A 242 10.18 9.49 -5.41
C PHE A 242 9.98 8.81 -6.75
N VAL A 243 10.82 7.82 -7.03
CA VAL A 243 10.56 6.88 -8.11
C VAL A 243 10.73 5.48 -7.53
N MET A 244 10.03 4.53 -8.14
CA MET A 244 10.12 3.10 -7.83
C MET A 244 10.63 2.35 -9.05
N MET A 245 11.76 1.67 -8.91
CA MET A 245 12.38 0.89 -9.97
C MET A 245 12.23 -0.56 -9.61
N SER A 246 11.73 -1.38 -10.54
CA SER A 246 11.53 -2.79 -10.28
C SER A 246 12.14 -3.67 -11.36
N ALA A 247 12.36 -4.94 -11.01
CA ALA A 247 12.79 -5.95 -11.96
C ALA A 247 12.72 -7.29 -11.27
N PRO A 248 12.61 -8.38 -12.03
CA PRO A 248 12.47 -9.69 -11.41
C PRO A 248 13.63 -9.93 -10.48
N PRO A 249 13.42 -10.65 -9.40
CA PRO A 249 14.47 -10.81 -8.41
C PRO A 249 15.79 -11.19 -9.07
N ALA A 250 16.87 -10.62 -8.57
CA ALA A 250 18.21 -10.91 -9.07
C ALA A 250 19.19 -10.32 -8.08
N GLN A 251 20.42 -10.84 -8.12
CA GLN A 251 21.44 -10.41 -7.19
C GLN A 251 21.90 -9.00 -7.53
N TYR A 252 22.02 -8.14 -6.51
CA TYR A 252 22.18 -6.72 -6.75
C TYR A 252 22.95 -6.12 -5.59
N GLU A 253 23.83 -5.18 -5.92
CA GLU A 253 24.62 -4.51 -4.91
C GLU A 253 23.89 -3.25 -4.48
N LEU A 254 23.73 -3.09 -3.17
CA LEU A 254 23.15 -1.89 -2.59
C LEU A 254 24.21 -1.19 -1.74
N LYS A 255 24.36 0.10 -1.96
CA LYS A 255 25.35 0.92 -1.26
C LYS A 255 24.65 2.03 -0.48
N HIS A 256 24.99 2.18 0.82
CA HIS A 256 24.28 3.17 1.66
C HIS A 256 24.45 4.55 1.04
N GLY A 257 23.39 5.35 1.11
CA GLY A 257 23.38 6.71 0.63
C GLY A 257 23.03 6.88 -0.83
N THR A 258 22.78 5.81 -1.58
CA THR A 258 22.49 5.91 -3.01
C THR A 258 21.05 5.57 -3.36
N PHE A 259 20.24 5.19 -2.38
CA PHE A 259 18.86 4.78 -2.55
C PHE A 259 18.22 5.03 -1.19
N THR A 260 16.90 5.00 -1.13
CA THR A 260 16.14 5.10 0.12
C THR A 260 15.85 3.74 0.77
N CYS A 261 15.24 2.82 0.04
CA CYS A 261 14.92 1.50 0.58
C CYS A 261 14.71 0.58 -0.61
N ALA A 262 14.66 -0.72 -0.33
CA ALA A 262 14.51 -1.75 -1.34
C ALA A 262 13.79 -3.00 -0.80
N SER A 263 13.13 -3.71 -1.72
CA SER A 263 12.48 -4.99 -1.42
C SER A 263 13.45 -6.12 -1.77
N GLU A 264 13.88 -6.87 -0.76
CA GLU A 264 14.61 -8.10 -0.96
C GLU A 264 13.62 -9.24 -1.05
N TYR A 265 13.78 -10.13 -2.03
CA TYR A 265 12.89 -11.28 -2.18
C TYR A 265 13.71 -12.54 -2.39
N THR A 266 13.42 -13.54 -1.59
CA THR A 266 14.10 -14.83 -1.62
C THR A 266 13.07 -15.95 -1.75
N GLY A 267 13.34 -16.89 -2.68
CA GLY A 267 12.53 -18.09 -2.89
C GLY A 267 11.90 -18.18 -4.26
N ASN A 268 10.89 -19.04 -4.41
CA ASN A 268 10.20 -19.19 -5.68
C ASN A 268 9.17 -18.09 -5.89
N TYR A 269 8.82 -17.90 -7.15
CA TYR A 269 7.70 -17.08 -7.58
C TYR A 269 6.51 -17.25 -6.63
N GLN A 270 5.96 -16.13 -6.17
CA GLN A 270 4.72 -16.09 -5.39
C GLN A 270 4.84 -16.57 -3.94
N CYS A 271 5.57 -17.63 -3.64
CA CYS A 271 5.56 -18.14 -2.26
C CYS A 271 6.89 -17.95 -1.54
N GLY A 272 7.74 -17.02 -2.01
CA GLY A 272 8.95 -16.65 -1.30
C GLY A 272 8.71 -15.65 -0.18
N HIS A 273 9.79 -15.08 0.32
CA HIS A 273 9.76 -14.24 1.51
C HIS A 273 10.40 -12.87 1.21
N TYR A 274 9.64 -11.81 1.44
CA TYR A 274 10.13 -10.45 1.37
C TYR A 274 10.82 -10.02 2.67
N LYS A 275 11.84 -9.19 2.52
CA LYS A 275 12.48 -8.45 3.60
C LYS A 275 12.70 -7.03 3.09
N HIS A 276 12.93 -6.11 4.03
CA HIS A 276 13.09 -4.70 3.71
C HIS A 276 14.50 -4.21 3.99
N ILE A 277 15.13 -3.65 2.96
CA ILE A 277 16.44 -3.00 3.11
C ILE A 277 16.23 -1.50 3.11
N THR A 278 16.77 -0.83 4.12
CA THR A 278 16.69 0.62 4.20
C THR A 278 18.07 1.21 4.43
N SER A 279 18.33 2.33 3.76
CA SER A 279 19.62 3.04 3.81
C SER A 279 19.56 4.12 4.86
N LYS A 280 20.23 3.95 5.98
CA LYS A 280 20.31 4.96 7.03
C LYS A 280 21.78 5.38 7.19
N GLU A 281 22.33 5.46 8.39
CA GLU A 281 23.76 5.62 8.63
C GLU A 281 24.49 4.38 8.18
N THR A 282 23.79 3.27 8.05
CA THR A 282 24.28 2.02 7.48
C THR A 282 23.07 1.34 6.87
N LEU A 283 23.28 0.14 6.31
CA LEU A 283 22.18 -0.62 5.68
C LEU A 283 21.55 -1.48 6.75
N TYR A 284 20.25 -1.38 6.89
CA TYR A 284 19.46 -2.17 7.83
C TYR A 284 18.57 -3.11 7.03
N CYS A 285 18.45 -4.34 7.49
CA CYS A 285 17.56 -5.32 6.91
C CYS A 285 16.50 -5.61 7.96
N ILE A 286 15.27 -5.24 7.65
CA ILE A 286 14.13 -5.38 8.57
C ILE A 286 13.29 -6.52 8.05
N ASP A 287 13.07 -7.52 8.91
CA ASP A 287 12.38 -8.73 8.53
C ASP A 287 11.24 -8.91 9.53
N GLY A 288 10.11 -8.23 9.30
CA GLY A 288 9.09 -8.17 10.32
C GLY A 288 9.63 -7.60 11.61
N ALA A 289 9.70 -8.42 12.67
CA ALA A 289 10.24 -7.95 13.95
C ALA A 289 11.75 -8.07 14.07
N LEU A 290 12.41 -8.69 13.12
CA LEU A 290 13.84 -8.93 13.21
C LEU A 290 14.60 -7.85 12.47
N LEU A 291 15.74 -7.46 13.01
CA LEU A 291 16.58 -6.40 12.49
C LEU A 291 18.01 -6.89 12.41
N THR A 292 18.67 -6.63 11.30
CA THR A 292 20.07 -6.93 11.12
C THR A 292 20.66 -5.75 10.34
N LYS A 293 21.98 -5.60 10.37
CA LYS A 293 22.63 -4.44 9.79
C LYS A 293 23.92 -4.90 9.13
N SER A 294 24.37 -4.15 8.13
CA SER A 294 25.59 -4.48 7.41
C SER A 294 26.11 -3.23 6.72
N SER A 295 27.45 -3.14 6.64
CA SER A 295 28.06 -2.00 5.96
C SER A 295 27.88 -2.10 4.45
N GLU A 296 27.87 -3.31 3.91
CA GLU A 296 27.62 -3.52 2.50
C GLU A 296 26.55 -4.57 2.30
N TYR A 297 26.04 -4.62 1.07
CA TYR A 297 24.95 -5.52 0.77
C TYR A 297 25.07 -6.03 -0.65
N LYS A 298 24.92 -7.35 -0.81
CA LYS A 298 24.66 -7.98 -2.09
C LYS A 298 23.60 -9.05 -1.87
N GLY A 299 22.52 -8.97 -2.66
CA GLY A 299 21.40 -9.85 -2.41
C GLY A 299 20.33 -9.73 -3.46
N PRO A 300 19.29 -10.54 -3.32
CA PRO A 300 18.25 -10.59 -4.37
C PRO A 300 17.20 -9.51 -4.18
N ILE A 301 17.23 -8.49 -5.03
CA ILE A 301 16.43 -7.29 -4.91
C ILE A 301 15.45 -7.26 -6.08
N THR A 302 14.23 -6.79 -5.82
CA THR A 302 13.22 -6.71 -6.88
C THR A 302 12.55 -5.33 -6.99
N ASP A 303 12.64 -4.47 -5.98
CA ASP A 303 12.28 -3.06 -6.12
C ASP A 303 13.30 -2.17 -5.41
N VAL A 304 13.54 -0.98 -5.94
CA VAL A 304 14.35 0.02 -5.27
C VAL A 304 13.64 1.34 -5.38
N PHE A 305 13.57 2.04 -4.25
CA PHE A 305 12.96 3.36 -4.12
C PHE A 305 14.04 4.41 -3.95
N TYR A 306 13.85 5.50 -4.67
CA TYR A 306 14.78 6.61 -4.71
C TYR A 306 13.99 7.90 -4.52
N LYS A 307 14.58 8.85 -3.77
CA LYS A 307 14.00 10.17 -3.59
C LYS A 307 14.21 11.01 -4.85
N GLU A 308 13.24 11.86 -5.14
CA GLU A 308 13.29 12.72 -6.31
C GLU A 308 12.62 14.04 -5.96
N ASN A 309 12.85 15.04 -6.80
CA ASN A 309 11.99 16.22 -6.75
C ASN A 309 11.82 16.70 -8.18
N SER A 310 12.92 17.14 -8.78
CA SER A 310 12.91 17.56 -10.18
C SER A 310 14.23 17.18 -10.80
N TYR A 311 14.17 16.48 -11.93
CA TYR A 311 15.31 16.05 -12.69
C TYR A 311 15.05 16.38 -14.16
N THR A 312 16.07 16.93 -14.81
CA THR A 312 16.05 17.26 -16.23
C THR A 312 17.34 16.72 -16.79
N THR A 313 17.26 16.13 -17.98
CA THR A 313 18.41 15.43 -18.55
C THR A 313 19.39 16.42 -19.19
N THR A 314 20.58 15.88 -19.47
CA THR A 314 21.59 16.53 -20.29
C THR A 314 21.70 15.89 -21.68
N ILE A 315 20.56 15.49 -22.25
CA ILE A 315 20.48 14.78 -23.56
C ILE A 315 21.26 13.46 -23.46
#